data_4ALY
#
_entry.id   4ALY
#
_cell.length_a   49.150
_cell.length_b   70.140
_cell.length_c   186.190
_cell.angle_alpha   90.00
_cell.angle_beta   90.00
_cell.angle_gamma   90.00
#
_symmetry.space_group_name_H-M   'P 21 21 21'
#
loop_
_entity.id
_entity.type
_entity.pdbx_description
1 polymer 'P35 ANTIGEN'
2 non-polymer 'SULFATE ION'
3 water water
#
_entity_poly.entity_id   1
_entity_poly.type   'polypeptide(L)'
_entity_poly.pdbx_seq_one_letter_code
;GAMGKDSNESKKHKKEKRKGKVENLLVAINNLKNPTKPAAGKNKANSKASKQKNNPNANANNAPKKILDPEVAKLIQKIL
DRSENIIQISEMDSSRGEPNDQFGMRAEIFSKIFFNANSTVHFDSHEYTEERRMLYTSLNFNEGKIFNLGQILSKLSQDS
NYRGLVKETLINRGFSIQLAMEEISAKILNVKDKLQQLNKPNLETLYNDFEKLTSLKEKWLKDTDDLIDEYNTNPDLQTD
VSKLNDTLRSKNSRAQFANIHDIILDLVNTTTNILAPIQ
;
_entity_poly.pdbx_strand_id   A,B
#
# COMPACT_ATOMS: atom_id res chain seq x y z
N ASP A 69 10.28 -31.51 -28.74
CA ASP A 69 9.65 -32.29 -27.60
C ASP A 69 10.28 -32.18 -26.19
N PRO A 70 11.62 -32.30 -26.06
CA PRO A 70 12.14 -31.82 -24.77
C PRO A 70 11.95 -30.31 -24.61
N GLU A 71 12.08 -29.57 -25.71
CA GLU A 71 11.59 -28.20 -25.82
C GLU A 71 10.05 -28.11 -25.49
N VAL A 72 9.23 -28.98 -26.07
CA VAL A 72 7.79 -29.02 -25.71
C VAL A 72 7.55 -29.21 -24.21
N ALA A 73 8.31 -30.12 -23.57
CA ALA A 73 8.16 -30.39 -22.14
C ALA A 73 8.41 -29.16 -21.28
N LYS A 74 9.46 -28.40 -21.66
CA LYS A 74 9.80 -27.10 -21.09
C LYS A 74 8.69 -26.05 -21.23
N LEU A 75 8.16 -25.89 -22.46
CA LEU A 75 7.08 -24.95 -22.72
C LEU A 75 5.90 -25.19 -21.82
N ILE A 76 5.45 -26.44 -21.68
CA ILE A 76 4.33 -26.79 -20.80
C ILE A 76 4.68 -26.27 -19.42
N GLN A 77 5.76 -26.81 -18.85
CA GLN A 77 6.29 -26.41 -17.56
C GLN A 77 6.33 -24.89 -17.35
N LYS A 78 6.89 -24.11 -18.29
CA LYS A 78 7.00 -22.66 -18.14
C LYS A 78 5.65 -21.98 -18.17
N ILE A 79 4.79 -22.40 -19.08
CA ILE A 79 3.39 -21.98 -19.10
C ILE A 79 2.60 -22.32 -17.81
N LEU A 80 2.82 -23.53 -17.28
CA LEU A 80 2.16 -23.93 -16.05
C LEU A 80 2.69 -23.20 -14.83
N ASP A 81 4.00 -22.91 -14.82
CA ASP A 81 4.55 -22.08 -13.76
C ASP A 81 3.95 -20.64 -13.83
N ARG A 82 4.07 -19.94 -14.97
CA ARG A 82 3.46 -18.66 -15.21
C ARG A 82 1.95 -18.59 -14.80
N SER A 83 1.14 -19.57 -15.20
CA SER A 83 -0.30 -19.69 -14.77
C SER A 83 -0.50 -19.98 -13.28
N GLU A 84 0.37 -20.79 -12.72
CA GLU A 84 0.30 -21.12 -11.30
C GLU A 84 0.63 -19.87 -10.55
N ASN A 85 1.77 -19.22 -10.87
CA ASN A 85 2.21 -18.00 -10.19
C ASN A 85 1.14 -16.86 -10.13
N ILE A 86 0.36 -16.70 -11.21
CA ILE A 86 -0.64 -15.67 -11.25
C ILE A 86 -1.82 -15.98 -10.34
N ILE A 87 -2.27 -17.23 -10.34
CA ILE A 87 -3.29 -17.65 -9.40
C ILE A 87 -2.81 -17.61 -7.93
N GLN A 88 -1.55 -17.93 -7.65
CA GLN A 88 -1.13 -18.01 -6.24
C GLN A 88 -1.17 -16.60 -5.71
N ILE A 89 -0.39 -15.73 -6.31
CA ILE A 89 -0.43 -14.27 -6.12
C ILE A 89 -1.86 -13.73 -5.91
N SER A 90 -2.78 -14.06 -6.79
CA SER A 90 -4.14 -13.54 -6.59
C SER A 90 -4.84 -13.98 -5.31
N GLU A 91 -4.51 -15.17 -4.79
CA GLU A 91 -5.15 -15.62 -3.54
C GLU A 91 -4.48 -15.01 -2.31
N MET A 92 -3.16 -14.87 -2.38
CA MET A 92 -2.37 -14.22 -1.33
C MET A 92 -2.90 -12.75 -1.22
N ASP A 93 -2.88 -12.02 -2.35
CA ASP A 93 -3.38 -10.67 -2.42
C ASP A 93 -4.80 -10.56 -1.90
N SER A 94 -5.60 -11.52 -2.27
CA SER A 94 -6.96 -11.52 -1.86
C SER A 94 -7.08 -11.65 -0.36
N SER A 95 -6.10 -12.23 0.30
CA SER A 95 -6.28 -12.33 1.72
C SER A 95 -5.69 -11.11 2.47
N ARG A 96 -5.06 -10.18 1.73
CA ARG A 96 -4.61 -8.91 2.28
C ARG A 96 -5.68 -7.94 2.73
N GLY A 97 -6.91 -8.10 2.19
CA GLY A 97 -8.04 -7.19 2.47
C GLY A 97 -7.65 -5.79 2.05
N GLU A 98 -8.08 -4.80 2.81
CA GLU A 98 -7.83 -3.41 2.44
C GLU A 98 -8.42 -2.70 3.61
N PRO A 99 -8.05 -1.45 3.81
CA PRO A 99 -8.60 -0.58 4.82
C PRO A 99 -10.02 -0.16 4.46
N ASN A 100 -10.77 0.43 5.40
CA ASN A 100 -12.12 0.92 5.08
C ASN A 100 -11.97 2.02 4.08
N ASP A 101 -10.88 2.77 4.17
CA ASP A 101 -10.65 3.85 3.26
C ASP A 101 -10.12 3.40 1.86
N GLN A 102 -10.12 2.10 1.59
CA GLN A 102 -9.70 1.56 0.27
C GLN A 102 -8.42 2.20 -0.24
N PHE A 103 -7.43 2.23 0.65
CA PHE A 103 -6.12 2.77 0.35
C PHE A 103 -6.21 4.21 -0.04
N GLY A 104 -7.10 4.92 0.66
CA GLY A 104 -7.22 6.38 0.48
C GLY A 104 -8.14 6.71 -0.71
N MET A 105 -8.48 5.72 -1.51
CA MET A 105 -9.15 5.98 -2.73
C MET A 105 -10.68 6.05 -2.63
N ARG A 106 -11.22 5.65 -1.52
CA ARG A 106 -12.65 5.52 -1.49
C ARG A 106 -13.41 6.88 -1.47
N ALA A 107 -12.95 7.86 -0.67
CA ALA A 107 -13.76 9.10 -0.48
C ALA A 107 -14.01 9.87 -1.77
N GLU A 108 -13.01 9.91 -2.69
CA GLU A 108 -13.08 10.75 -3.90
C GLU A 108 -13.09 10.03 -5.20
N ILE A 109 -12.80 8.73 -5.17
CA ILE A 109 -12.81 7.96 -6.42
C ILE A 109 -13.83 6.86 -6.29
N PHE A 110 -13.55 5.82 -5.49
CA PHE A 110 -14.34 4.60 -5.67
C PHE A 110 -15.80 4.90 -5.34
N SER A 111 -16.01 5.81 -4.42
CA SER A 111 -17.42 6.08 -4.10
C SER A 111 -18.08 7.10 -5.07
N LYS A 112 -17.38 7.54 -6.11
CA LYS A 112 -17.92 8.45 -7.14
C LYS A 112 -17.98 7.86 -8.54
N ILE A 113 -17.42 6.68 -8.77
CA ILE A 113 -17.37 6.15 -10.11
C ILE A 113 -18.13 4.81 -10.14
N PHE A 114 -18.49 4.36 -11.34
CA PHE A 114 -19.14 3.05 -11.61
C PHE A 114 -18.28 2.10 -12.42
N PHE A 115 -18.43 0.81 -12.15
CA PHE A 115 -17.63 -0.15 -12.81
C PHE A 115 -17.81 -0.07 -14.33
N ASN A 116 -19.05 -0.18 -14.77
CA ASN A 116 -19.38 -0.06 -16.21
C ASN A 116 -20.70 0.69 -16.29
N ALA A 117 -21.01 1.23 -17.48
CA ALA A 117 -22.26 2.01 -17.68
C ALA A 117 -23.55 1.30 -17.20
N ASN A 118 -23.43 -0.01 -16.92
CA ASN A 118 -24.57 -0.87 -16.49
C ASN A 118 -24.74 -1.05 -14.97
N SER A 119 -23.80 -0.52 -14.19
CA SER A 119 -23.80 -0.76 -12.72
C SER A 119 -24.64 0.23 -11.97
N THR A 120 -24.92 -0.16 -10.75
CA THR A 120 -26.00 0.38 -9.96
C THR A 120 -25.48 1.05 -8.70
N VAL A 121 -24.51 0.39 -8.05
CA VAL A 121 -23.78 0.96 -6.90
C VAL A 121 -22.39 1.40 -7.39
N HIS A 122 -21.76 2.33 -6.68
CA HIS A 122 -20.39 2.76 -6.99
C HIS A 122 -19.37 1.67 -6.68
N PHE A 123 -18.16 1.84 -7.16
CA PHE A 123 -17.08 0.85 -7.09
C PHE A 123 -16.55 0.61 -5.67
N ASP A 124 -16.92 1.49 -4.74
CA ASP A 124 -16.59 1.27 -3.36
C ASP A 124 -17.47 0.20 -2.71
N SER A 125 -18.51 -0.28 -3.39
CA SER A 125 -19.42 -1.18 -2.68
C SER A 125 -18.84 -2.63 -2.40
N HIS A 126 -19.35 -3.36 -1.40
CA HIS A 126 -18.96 -4.78 -1.17
C HIS A 126 -19.07 -5.60 -2.45
N GLU A 127 -19.81 -5.11 -3.43
CA GLU A 127 -20.05 -5.91 -4.60
C GLU A 127 -18.84 -5.91 -5.51
N TYR A 128 -17.93 -4.97 -5.32
CA TYR A 128 -16.75 -4.81 -6.16
C TYR A 128 -15.46 -5.10 -5.39
N THR A 129 -15.59 -5.77 -4.25
CA THR A 129 -14.42 -6.27 -3.52
C THR A 129 -13.38 -6.93 -4.44
N GLU A 130 -13.81 -7.98 -5.17
CA GLU A 130 -12.93 -8.66 -6.14
C GLU A 130 -12.23 -7.75 -7.15
N GLU A 131 -13.00 -6.89 -7.81
CA GLU A 131 -12.48 -5.99 -8.81
C GLU A 131 -11.52 -4.94 -8.22
N ARG A 132 -11.86 -4.44 -7.07
CA ARG A 132 -10.92 -3.64 -6.38
C ARG A 132 -9.54 -4.37 -6.16
N ARG A 133 -9.59 -5.59 -5.61
CA ARG A 133 -8.41 -6.45 -5.38
C ARG A 133 -7.56 -6.63 -6.67
N MET A 134 -8.24 -6.92 -7.79
CA MET A 134 -7.54 -7.10 -9.11
C MET A 134 -6.88 -5.77 -9.46
N LEU A 135 -7.55 -4.66 -9.21
CA LEU A 135 -6.89 -3.42 -9.48
C LEU A 135 -5.58 -3.26 -8.63
N TYR A 136 -5.62 -3.67 -7.35
CA TYR A 136 -4.46 -3.48 -6.47
C TYR A 136 -3.32 -4.40 -6.92
N THR A 137 -3.66 -5.65 -7.25
CA THR A 137 -2.74 -6.59 -7.82
C THR A 137 -2.12 -6.06 -9.12
N SER A 138 -2.84 -5.20 -9.86
CA SER A 138 -2.34 -4.75 -11.15
C SER A 138 -1.20 -3.81 -10.94
N LEU A 139 -1.09 -3.35 -9.71
CA LEU A 139 0.01 -2.46 -9.34
C LEU A 139 0.90 -3.28 -8.37
N ASN A 140 0.89 -4.62 -8.54
CA ASN A 140 1.73 -5.51 -7.69
C ASN A 140 1.45 -5.45 -6.18
N PHE A 141 0.29 -4.93 -5.82
CA PHE A 141 -0.12 -4.81 -4.40
C PHE A 141 0.93 -4.05 -3.61
N ASN A 142 1.49 -3.05 -4.25
CA ASN A 142 2.38 -2.21 -3.57
C ASN A 142 1.58 -1.14 -2.96
N GLU A 143 1.23 -1.33 -1.69
CA GLU A 143 0.26 -0.44 -1.07
C GLU A 143 0.72 1.02 -1.08
N GLY A 144 2.04 1.25 -1.17
CA GLY A 144 2.54 2.62 -1.11
C GLY A 144 2.25 3.41 -2.40
N LYS A 145 2.57 2.76 -3.50
CA LYS A 145 2.34 3.20 -4.84
C LYS A 145 0.80 3.34 -5.07
N ILE A 146 0.03 2.34 -4.63
CA ILE A 146 -1.41 2.43 -4.71
C ILE A 146 -1.94 3.66 -3.99
N PHE A 147 -1.39 3.97 -2.83
CA PHE A 147 -1.87 5.02 -2.02
C PHE A 147 -1.49 6.36 -2.67
N ASN A 148 -0.22 6.46 -3.17
CA ASN A 148 0.31 7.72 -3.78
C ASN A 148 -0.40 8.05 -5.12
N LEU A 149 -0.54 7.06 -6.02
CA LEU A 149 -1.39 7.13 -7.22
C LEU A 149 -2.75 7.69 -6.85
N GLY A 150 -3.39 7.06 -5.86
CA GLY A 150 -4.71 7.39 -5.43
C GLY A 150 -4.91 8.77 -4.90
N GLN A 151 -3.92 9.36 -4.23
CA GLN A 151 -4.00 10.74 -3.74
C GLN A 151 -3.94 11.77 -4.90
N ILE A 152 -3.18 11.41 -5.92
CA ILE A 152 -3.05 12.24 -7.07
C ILE A 152 -4.35 12.17 -7.92
N LEU A 153 -4.87 10.96 -8.11
CA LEU A 153 -6.02 10.73 -8.95
C LEU A 153 -7.28 11.27 -8.26
N SER A 154 -7.27 11.38 -6.95
CA SER A 154 -8.38 11.95 -6.21
C SER A 154 -8.44 13.43 -6.50
N LYS A 155 -7.33 14.04 -6.88
CA LYS A 155 -7.37 15.48 -7.13
C LYS A 155 -8.17 15.68 -8.42
N LEU A 156 -7.99 14.79 -9.41
CA LEU A 156 -8.73 14.80 -10.64
C LEU A 156 -10.17 14.33 -10.48
N SER A 157 -10.39 13.29 -9.70
CA SER A 157 -11.73 12.75 -9.56
C SER A 157 -12.69 13.76 -8.86
N GLN A 158 -12.11 14.68 -8.06
CA GLN A 158 -12.88 15.79 -7.47
C GLN A 158 -13.49 16.78 -8.51
N ASP A 159 -13.12 16.60 -9.77
CA ASP A 159 -13.63 17.42 -10.82
C ASP A 159 -14.34 16.50 -11.79
N SER A 160 -15.64 16.69 -11.93
CA SER A 160 -16.49 15.82 -12.76
C SER A 160 -16.12 15.85 -14.19
N ASN A 161 -15.51 16.92 -14.72
CA ASN A 161 -14.98 16.79 -16.10
C ASN A 161 -13.81 15.88 -16.21
N TYR A 162 -13.08 15.68 -15.11
CA TYR A 162 -11.89 14.80 -15.23
C TYR A 162 -12.09 13.41 -14.64
N ARG A 163 -13.23 13.16 -14.02
CA ARG A 163 -13.46 11.89 -13.32
C ARG A 163 -13.55 10.72 -14.30
N GLY A 164 -14.05 10.97 -15.51
CA GLY A 164 -14.20 9.90 -16.52
C GLY A 164 -12.85 9.28 -16.84
N LEU A 165 -11.86 10.14 -17.06
CA LEU A 165 -10.54 9.62 -17.43
C LEU A 165 -9.87 8.77 -16.30
N VAL A 166 -10.12 9.16 -15.05
CA VAL A 166 -9.72 8.41 -13.85
C VAL A 166 -10.24 7.01 -13.79
N LYS A 167 -11.54 6.88 -13.92
CA LYS A 167 -12.22 5.62 -14.06
C LYS A 167 -11.62 4.82 -15.24
N GLU A 168 -11.64 5.39 -16.46
CA GLU A 168 -11.16 4.71 -17.68
C GLU A 168 -9.75 4.13 -17.36
N THR A 169 -8.87 5.00 -16.87
CA THR A 169 -7.49 4.63 -16.55
C THR A 169 -7.41 3.42 -15.57
N LEU A 170 -8.23 3.43 -14.53
CA LEU A 170 -8.09 2.47 -13.47
C LEU A 170 -8.75 1.15 -13.90
N ILE A 171 -9.87 1.30 -14.58
CA ILE A 171 -10.67 0.13 -14.87
C ILE A 171 -10.38 -0.47 -16.23
N ASN A 172 -10.33 0.35 -17.25
CA ASN A 172 -10.22 -0.16 -18.61
C ASN A 172 -8.78 -0.42 -18.93
N ARG A 173 -7.86 0.28 -18.23
CA ARG A 173 -6.46 -0.05 -18.32
C ARG A 173 -5.98 -1.03 -17.19
N GLY A 174 -5.81 -0.57 -15.95
CA GLY A 174 -5.12 -1.40 -14.93
C GLY A 174 -5.92 -2.62 -14.54
N PHE A 175 -7.19 -2.40 -14.18
CA PHE A 175 -8.05 -3.54 -13.87
C PHE A 175 -8.06 -4.52 -15.07
N SER A 176 -8.21 -4.02 -16.31
CA SER A 176 -8.55 -4.96 -17.41
C SER A 176 -7.41 -5.92 -17.71
N ILE A 177 -6.18 -5.43 -17.61
CA ILE A 177 -4.93 -6.19 -17.89
C ILE A 177 -4.73 -7.32 -16.86
N GLN A 178 -4.90 -6.97 -15.57
CA GLN A 178 -4.84 -7.91 -14.48
C GLN A 178 -5.94 -9.00 -14.61
N LEU A 179 -7.22 -8.59 -14.75
CA LEU A 179 -8.30 -9.55 -15.07
C LEU A 179 -7.93 -10.49 -16.22
N ALA A 180 -7.39 -9.91 -17.30
CA ALA A 180 -7.00 -10.76 -18.44
C ALA A 180 -5.97 -11.82 -17.99
N MET A 181 -4.95 -11.42 -17.22
CA MET A 181 -3.95 -12.41 -16.79
C MET A 181 -4.56 -13.56 -15.99
N GLU A 182 -5.62 -13.28 -15.23
CA GLU A 182 -6.15 -14.28 -14.32
C GLU A 182 -7.22 -15.15 -14.98
N GLU A 183 -7.93 -14.63 -15.96
CA GLU A 183 -8.92 -15.43 -16.66
C GLU A 183 -8.15 -16.48 -17.48
N ILE A 184 -7.13 -15.98 -18.17
CA ILE A 184 -6.27 -16.81 -19.00
C ILE A 184 -5.52 -17.85 -18.14
N SER A 185 -5.02 -17.53 -16.94
CA SER A 185 -4.37 -18.55 -16.14
C SER A 185 -5.36 -19.61 -15.65
N ALA A 186 -6.60 -19.19 -15.34
CA ALA A 186 -7.64 -20.12 -14.89
C ALA A 186 -8.08 -21.01 -16.05
N LYS A 187 -8.27 -20.41 -17.23
CA LYS A 187 -8.51 -21.19 -18.45
C LYS A 187 -7.50 -22.32 -18.66
N ILE A 188 -6.21 -21.99 -18.60
CA ILE A 188 -5.13 -22.92 -18.91
C ILE A 188 -5.06 -24.02 -17.86
N LEU A 189 -5.02 -23.64 -16.58
CA LEU A 189 -5.00 -24.61 -15.46
C LEU A 189 -6.25 -25.49 -15.39
N ASN A 190 -7.37 -25.00 -15.88
CA ASN A 190 -8.57 -25.84 -15.93
C ASN A 190 -8.48 -26.99 -16.97
N VAL A 191 -7.36 -27.03 -17.71
CA VAL A 191 -7.10 -28.09 -18.67
C VAL A 191 -5.66 -28.48 -18.58
N LYS A 192 -5.08 -28.39 -17.39
CA LYS A 192 -3.64 -28.62 -17.21
C LYS A 192 -3.09 -30.00 -17.66
N ASP A 193 -3.89 -31.07 -17.56
CA ASP A 193 -3.38 -32.41 -17.92
C ASP A 193 -3.24 -32.59 -19.44
N LYS A 194 -4.12 -31.93 -20.18
CA LYS A 194 -4.24 -32.09 -21.63
C LYS A 194 -3.43 -31.13 -22.54
N LEU A 195 -2.53 -30.35 -21.96
CA LEU A 195 -1.65 -29.43 -22.71
C LEU A 195 -0.62 -30.14 -23.59
N GLN A 196 -0.16 -31.34 -23.19
CA GLN A 196 0.72 -32.12 -24.05
C GLN A 196 0.00 -32.61 -25.34
N GLN A 197 -1.33 -32.54 -25.35
CA GLN A 197 -2.08 -32.87 -26.56
C GLN A 197 -2.01 -31.79 -27.60
N LEU A 198 -1.32 -30.69 -27.29
CA LEU A 198 -1.33 -29.53 -28.16
C LEU A 198 -0.14 -29.42 -29.08
N ASN A 199 -0.46 -29.05 -30.29
CA ASN A 199 0.44 -28.57 -31.31
C ASN A 199 1.49 -27.65 -30.66
N LYS A 200 2.77 -27.65 -31.10
CA LYS A 200 3.67 -26.68 -30.52
C LYS A 200 3.53 -25.20 -31.02
N PRO A 201 3.04 -24.94 -32.24
CA PRO A 201 2.61 -23.55 -32.51
C PRO A 201 1.60 -22.87 -31.47
N ASN A 202 0.52 -23.57 -31.12
CA ASN A 202 -0.38 -23.21 -30.01
C ASN A 202 0.31 -23.00 -28.63
N LEU A 203 1.03 -24.01 -28.15
CA LEU A 203 1.91 -23.85 -26.97
C LEU A 203 2.83 -22.63 -27.03
N GLU A 204 3.27 -22.22 -28.21
CA GLU A 204 4.12 -21.02 -28.31
C GLU A 204 3.33 -19.73 -28.14
N THR A 205 2.16 -19.70 -28.77
CA THR A 205 1.34 -18.52 -28.79
C THR A 205 0.85 -18.26 -27.36
N LEU A 206 0.37 -19.31 -26.71
CA LEU A 206 -0.15 -19.09 -25.38
C LEU A 206 0.98 -18.66 -24.43
N TYR A 207 2.16 -19.19 -24.69
CA TYR A 207 3.32 -18.73 -23.97
C TYR A 207 3.74 -17.29 -24.35
N ASN A 208 3.68 -16.98 -25.66
CA ASN A 208 3.87 -15.61 -26.10
C ASN A 208 2.75 -14.67 -25.61
N ASP A 209 1.51 -15.16 -25.54
CA ASP A 209 0.45 -14.37 -24.97
C ASP A 209 0.83 -13.84 -23.56
N PHE A 210 1.37 -14.70 -22.70
CA PHE A 210 1.86 -14.27 -21.38
C PHE A 210 2.84 -13.14 -21.45
N GLU A 211 3.70 -13.18 -22.44
CA GLU A 211 4.69 -12.14 -22.63
C GLU A 211 4.14 -10.79 -22.98
N LYS A 212 3.10 -10.77 -23.81
CA LYS A 212 2.48 -9.49 -24.15
C LYS A 212 1.70 -8.95 -22.96
N LEU A 213 0.99 -9.86 -22.30
CA LEU A 213 0.33 -9.51 -21.07
C LEU A 213 1.26 -8.86 -20.05
N THR A 214 2.45 -9.46 -19.80
CA THR A 214 3.49 -8.93 -18.88
C THR A 214 3.93 -7.56 -19.37
N SER A 215 3.96 -7.38 -20.67
CA SER A 215 4.48 -6.13 -21.20
C SER A 215 3.41 -5.00 -21.15
N LEU A 216 2.13 -5.38 -21.19
CA LEU A 216 1.04 -4.45 -20.94
C LEU A 216 1.01 -3.98 -19.46
N LYS A 217 1.12 -4.93 -18.52
CA LYS A 217 1.22 -4.61 -17.08
C LYS A 217 2.42 -3.71 -16.83
N GLU A 218 3.55 -4.06 -17.43
CA GLU A 218 4.81 -3.35 -17.13
C GLU A 218 4.73 -1.91 -17.54
N LYS A 219 4.01 -1.60 -18.61
CA LYS A 219 3.95 -0.25 -19.06
C LYS A 219 2.93 0.53 -18.19
N TRP A 220 1.91 -0.17 -17.70
CA TRP A 220 0.97 0.37 -16.69
C TRP A 220 1.72 0.67 -15.42
N LEU A 221 2.65 -0.20 -15.05
CA LEU A 221 3.44 0.04 -13.84
C LEU A 221 4.36 1.21 -14.05
N LYS A 222 4.97 1.26 -15.23
CA LYS A 222 5.85 2.38 -15.59
C LYS A 222 5.12 3.77 -15.71
N ASP A 223 3.97 3.80 -16.35
CA ASP A 223 3.28 5.11 -16.49
C ASP A 223 2.82 5.61 -15.13
N THR A 224 2.63 4.68 -14.18
CA THR A 224 2.06 4.98 -12.86
C THR A 224 3.11 5.63 -12.06
N ASP A 225 4.28 5.01 -12.04
CA ASP A 225 5.44 5.55 -11.34
C ASP A 225 5.81 6.90 -11.93
N ASP A 226 5.76 7.07 -13.25
CA ASP A 226 6.22 8.34 -13.83
C ASP A 226 5.28 9.46 -13.44
N LEU A 227 3.99 9.10 -13.35
CA LEU A 227 2.96 10.07 -13.00
C LEU A 227 3.24 10.54 -11.55
N ILE A 228 3.51 9.60 -10.65
CA ILE A 228 3.84 9.86 -9.25
C ILE A 228 5.08 10.78 -9.21
N ASP A 229 6.12 10.45 -9.99
CA ASP A 229 7.34 11.30 -10.03
C ASP A 229 7.05 12.66 -10.59
N GLU A 230 6.39 12.76 -11.75
CA GLU A 230 6.06 14.07 -12.34
C GLU A 230 5.27 14.89 -11.34
N TYR A 231 4.28 14.28 -10.68
CA TYR A 231 3.54 15.00 -9.66
C TYR A 231 4.43 15.53 -8.51
N ASN A 232 5.22 14.64 -7.89
CA ASN A 232 6.10 15.05 -6.75
C ASN A 232 7.14 16.10 -7.20
N THR A 233 7.56 16.04 -8.46
CA THR A 233 8.59 16.93 -9.03
C THR A 233 8.18 18.35 -9.49
N ASN A 234 6.89 18.59 -9.65
CA ASN A 234 6.40 19.70 -10.43
C ASN A 234 5.18 20.30 -9.73
N PRO A 235 5.43 21.30 -8.91
CA PRO A 235 4.35 21.95 -8.13
C PRO A 235 3.07 22.37 -8.89
N ASP A 236 3.11 22.59 -10.22
CA ASP A 236 1.81 22.95 -10.80
C ASP A 236 0.94 21.78 -11.18
N LEU A 237 1.54 20.61 -11.26
CA LEU A 237 0.73 19.43 -11.21
C LEU A 237 -0.07 19.37 -9.91
N GLN A 238 0.48 19.89 -8.84
CA GLN A 238 -0.19 19.79 -7.60
C GLN A 238 -1.28 20.86 -7.41
N THR A 239 -1.14 22.02 -8.03
CA THR A 239 -2.07 23.15 -7.78
C THR A 239 -2.99 23.46 -8.98
N ASP A 240 -2.83 22.75 -10.08
CA ASP A 240 -3.60 23.06 -11.28
C ASP A 240 -4.13 21.77 -11.84
N VAL A 241 -5.38 21.46 -11.52
CA VAL A 241 -5.97 20.21 -11.93
C VAL A 241 -6.10 20.02 -13.45
N SER A 242 -6.26 21.10 -14.23
CA SER A 242 -6.26 20.96 -15.69
C SER A 242 -4.95 20.46 -16.20
N LYS A 243 -3.84 20.96 -15.65
CA LYS A 243 -2.52 20.56 -16.14
C LYS A 243 -2.39 19.11 -15.68
N LEU A 244 -2.88 18.81 -14.47
CA LEU A 244 -2.80 17.45 -13.95
C LEU A 244 -3.55 16.55 -14.93
N ASN A 245 -4.79 16.94 -15.28
CA ASN A 245 -5.54 16.23 -16.30
C ASN A 245 -4.75 16.00 -17.62
N ASP A 246 -4.08 17.02 -18.15
CA ASP A 246 -3.30 16.81 -19.37
C ASP A 246 -2.19 15.83 -19.22
N THR A 247 -1.55 15.81 -18.07
CA THR A 247 -0.50 14.82 -17.94
C THR A 247 -0.96 13.39 -17.82
N LEU A 248 -2.06 13.14 -17.14
CA LEU A 248 -2.68 11.81 -17.19
C LEU A 248 -3.04 11.35 -18.63
N ARG A 249 -3.69 12.24 -19.40
CA ARG A 249 -4.06 12.08 -20.82
C ARG A 249 -2.87 11.74 -21.70
N SER A 250 -1.71 12.35 -21.47
CA SER A 250 -0.60 12.08 -22.36
C SER A 250 -0.18 10.59 -22.44
N LYS A 251 -0.42 9.85 -21.36
CA LYS A 251 -0.07 8.43 -21.27
C LYS A 251 -1.29 7.56 -21.51
N ASN A 252 -2.43 8.20 -21.73
CA ASN A 252 -3.62 7.40 -21.88
C ASN A 252 -4.48 8.05 -22.98
N SER A 253 -4.10 7.91 -24.26
CA SER A 253 -4.85 8.59 -25.35
C SER A 253 -6.04 7.73 -25.58
N ARG A 254 -7.06 8.25 -26.26
CA ARG A 254 -8.27 7.51 -26.54
C ARG A 254 -7.99 6.29 -27.42
N ALA A 255 -7.08 6.47 -28.37
CA ALA A 255 -6.72 5.34 -29.22
C ALA A 255 -5.97 4.27 -28.40
N GLN A 256 -5.13 4.71 -27.48
CA GLN A 256 -4.37 3.79 -26.63
C GLN A 256 -5.31 2.93 -25.76
N PHE A 257 -6.49 3.45 -25.37
CA PHE A 257 -7.48 2.59 -24.69
C PHE A 257 -8.06 1.55 -25.64
N ALA A 258 -8.54 2.03 -26.78
CA ALA A 258 -9.09 1.10 -27.81
C ALA A 258 -8.07 0.06 -28.17
N ASN A 259 -6.80 0.43 -28.34
CA ASN A 259 -5.76 -0.58 -28.61
C ASN A 259 -5.63 -1.63 -27.49
N ILE A 260 -5.46 -1.14 -26.26
CA ILE A 260 -5.41 -1.99 -25.07
C ILE A 260 -6.61 -2.91 -25.00
N HIS A 261 -7.80 -2.34 -25.11
CA HIS A 261 -9.03 -3.15 -25.20
C HIS A 261 -9.03 -4.24 -26.27
N ASP A 262 -8.52 -3.91 -27.48
CA ASP A 262 -8.48 -4.83 -28.61
C ASP A 262 -7.57 -5.99 -28.35
N ILE A 263 -6.34 -5.70 -27.88
CA ILE A 263 -5.32 -6.68 -27.58
C ILE A 263 -5.71 -7.65 -26.47
N ILE A 264 -6.28 -7.12 -25.38
CA ILE A 264 -6.80 -7.98 -24.33
C ILE A 264 -7.86 -8.98 -24.83
N LEU A 265 -8.85 -8.47 -25.56
CA LEU A 265 -9.92 -9.34 -26.13
C LEU A 265 -9.31 -10.35 -27.10
N ASP A 266 -8.35 -9.92 -27.92
CA ASP A 266 -7.65 -10.84 -28.81
C ASP A 266 -6.94 -11.95 -28.04
N LEU A 267 -6.43 -11.65 -26.86
CA LEU A 267 -5.67 -12.60 -26.06
C LEU A 267 -6.58 -13.57 -25.29
N VAL A 268 -7.69 -13.07 -24.78
CA VAL A 268 -8.69 -13.96 -24.20
C VAL A 268 -9.30 -14.93 -25.25
N ASN A 269 -9.81 -14.40 -26.36
CA ASN A 269 -10.38 -15.24 -27.42
C ASN A 269 -9.38 -16.29 -27.91
N THR A 270 -8.18 -15.87 -28.28
CA THR A 270 -7.14 -16.83 -28.69
C THR A 270 -6.96 -18.02 -27.70
N THR A 271 -7.05 -17.72 -26.41
CA THR A 271 -6.83 -18.70 -25.40
C THR A 271 -7.96 -19.69 -25.42
N THR A 272 -9.19 -19.20 -25.58
CA THR A 272 -10.33 -20.11 -25.61
C THR A 272 -10.22 -20.97 -26.85
N ASN A 273 -9.80 -20.36 -27.97
CA ASN A 273 -9.74 -21.01 -29.29
C ASN A 273 -8.69 -22.12 -29.21
N ILE A 274 -7.46 -21.76 -28.84
CA ILE A 274 -6.43 -22.77 -28.61
C ILE A 274 -6.86 -23.89 -27.66
N LEU A 275 -7.74 -23.58 -26.69
CA LEU A 275 -8.12 -24.57 -25.63
C LEU A 275 -9.45 -25.34 -25.88
N ALA A 276 -10.32 -24.79 -26.72
CA ALA A 276 -11.55 -25.49 -27.16
C ALA A 276 -11.28 -26.98 -27.48
N PRO A 277 -10.26 -27.31 -28.32
CA PRO A 277 -10.14 -28.74 -28.66
C PRO A 277 -9.75 -29.69 -27.50
N ILE A 278 -9.36 -29.18 -26.32
CA ILE A 278 -9.00 -30.06 -25.18
C ILE A 278 -9.95 -29.92 -23.96
N GLN A 279 -11.09 -29.25 -24.18
CA GLN A 279 -12.26 -29.35 -23.29
C GLN A 279 -13.27 -30.36 -23.77
N ILE B 79 -5.20 25.73 23.12
CA ILE B 79 -5.01 24.51 23.99
C ILE B 79 -6.13 23.48 23.76
N LEU B 80 -7.36 23.94 23.86
CA LEU B 80 -8.49 23.08 23.55
C LEU B 80 -8.62 22.88 22.05
N ASP B 81 -8.03 23.79 21.27
CA ASP B 81 -8.18 23.62 19.84
C ASP B 81 -7.20 22.53 19.38
N ARG B 82 -6.00 22.54 19.99
CA ARG B 82 -4.98 21.57 19.78
C ARG B 82 -5.42 20.20 20.33
N SER B 83 -5.90 20.14 21.58
CA SER B 83 -6.37 18.83 22.14
C SER B 83 -7.50 18.21 21.32
N GLU B 84 -8.50 19.00 20.98
CA GLU B 84 -9.62 18.51 20.21
C GLU B 84 -9.15 18.14 18.80
N ASN B 85 -8.05 18.71 18.37
CA ASN B 85 -7.61 18.37 17.03
C ASN B 85 -7.00 16.94 17.00
N ILE B 86 -6.21 16.61 18.03
CA ILE B 86 -5.53 15.34 18.16
C ILE B 86 -6.56 14.19 18.27
N ILE B 87 -7.43 14.29 19.29
CA ILE B 87 -8.58 13.41 19.47
C ILE B 87 -9.40 13.17 18.18
N GLN B 88 -9.80 14.24 17.54
CA GLN B 88 -10.51 14.14 16.24
C GLN B 88 -9.74 13.42 15.10
N ILE B 89 -8.41 13.60 15.07
CA ILE B 89 -7.56 12.94 14.11
C ILE B 89 -7.49 11.44 14.49
N SER B 90 -7.36 11.15 15.78
CA SER B 90 -7.34 9.79 16.19
C SER B 90 -8.68 9.13 15.79
N GLU B 91 -9.79 9.84 15.91
CA GLU B 91 -11.07 9.23 15.58
C GLU B 91 -11.20 8.99 14.10
N MET B 92 -10.78 9.97 13.29
CA MET B 92 -10.72 9.80 11.82
C MET B 92 -9.82 8.64 11.38
N ASP B 93 -8.59 8.57 11.90
CA ASP B 93 -7.66 7.50 11.54
C ASP B 93 -8.29 6.18 11.94
N SER B 94 -9.01 6.10 13.06
CA SER B 94 -9.64 4.79 13.45
C SER B 94 -10.56 4.31 12.38
N SER B 95 -11.41 5.19 11.86
CA SER B 95 -12.43 4.77 10.94
C SER B 95 -11.83 4.41 9.59
N ARG B 96 -10.63 4.92 9.26
CA ARG B 96 -9.86 4.48 8.09
C ARG B 96 -9.52 3.01 8.06
N GLY B 97 -9.46 2.37 9.27
CA GLY B 97 -9.21 0.93 9.36
C GLY B 97 -7.78 0.54 8.92
N GLU B 98 -7.64 -0.67 8.37
CA GLU B 98 -6.35 -1.18 7.99
C GLU B 98 -6.63 -2.44 7.24
N PRO B 99 -5.70 -2.85 6.34
CA PRO B 99 -5.76 -4.14 5.65
C PRO B 99 -5.50 -5.29 6.64
N ASN B 100 -5.92 -6.50 6.27
CA ASN B 100 -5.56 -7.69 7.03
C ASN B 100 -4.06 -7.86 7.15
N ASP B 101 -3.29 -7.41 6.12
CA ASP B 101 -1.86 -7.51 6.19
C ASP B 101 -1.21 -6.44 6.98
N GLN B 102 -2.03 -5.56 7.55
CA GLN B 102 -1.58 -4.43 8.41
C GLN B 102 -0.47 -3.57 7.75
N PHE B 103 -0.85 -3.07 6.56
CA PHE B 103 0.01 -2.18 5.71
C PHE B 103 1.37 -2.84 5.44
N GLY B 104 1.30 -4.16 5.25
CA GLY B 104 2.45 -4.93 4.74
C GLY B 104 3.30 -5.49 5.84
N MET B 105 2.94 -5.16 7.08
CA MET B 105 3.79 -5.41 8.25
C MET B 105 3.39 -6.69 9.05
N ARG B 106 2.28 -7.32 8.69
CA ARG B 106 1.85 -8.45 9.48
C ARG B 106 2.84 -9.61 9.42
N ALA B 107 3.15 -10.02 8.21
CA ALA B 107 3.89 -11.28 7.95
C ALA B 107 5.27 -11.26 8.63
N GLU B 108 6.07 -10.22 8.41
CA GLU B 108 7.41 -10.26 8.97
C GLU B 108 7.68 -9.49 10.26
N ILE B 109 6.78 -8.62 10.70
CA ILE B 109 7.06 -7.85 11.94
C ILE B 109 5.98 -8.15 12.96
N PHE B 110 4.80 -7.53 12.78
CA PHE B 110 3.74 -7.60 13.76
C PHE B 110 3.45 -9.04 14.21
N SER B 111 3.48 -10.04 13.33
CA SER B 111 3.19 -11.36 13.80
C SER B 111 4.40 -11.98 14.49
N LYS B 112 5.52 -11.27 14.62
CA LYS B 112 6.62 -11.84 15.41
C LYS B 112 7.05 -11.03 16.55
N ILE B 113 6.35 -10.01 17.02
CA ILE B 113 6.91 -9.24 18.14
C ILE B 113 5.79 -9.17 19.10
N PHE B 114 6.15 -8.79 20.34
CA PHE B 114 5.14 -8.56 21.40
C PHE B 114 5.10 -7.10 21.76
N PHE B 115 3.93 -6.63 22.11
CA PHE B 115 3.81 -5.24 22.52
C PHE B 115 4.73 -4.92 23.74
N ASN B 116 4.64 -5.71 24.81
CA ASN B 116 5.47 -5.46 26.01
C ASN B 116 5.65 -6.79 26.72
N ALA B 117 6.57 -6.79 27.70
CA ALA B 117 6.82 -7.96 28.59
C ALA B 117 5.52 -8.69 29.00
N ASN B 118 4.43 -7.95 29.19
CA ASN B 118 3.19 -8.58 29.66
C ASN B 118 2.28 -9.20 28.58
N SER B 119 2.61 -8.99 27.32
CA SER B 119 1.80 -9.54 26.23
C SER B 119 1.81 -11.07 26.16
N THR B 120 0.69 -11.67 25.75
CA THR B 120 0.62 -13.10 25.56
C THR B 120 0.26 -13.55 24.13
N VAL B 121 -0.17 -12.64 23.27
CA VAL B 121 -0.28 -12.96 21.83
C VAL B 121 0.58 -11.92 21.11
N HIS B 122 0.92 -12.20 19.84
CA HIS B 122 1.69 -11.27 19.06
C HIS B 122 0.95 -10.04 18.74
N PHE B 123 1.66 -9.06 18.23
CA PHE B 123 1.13 -7.75 18.13
C PHE B 123 0.13 -7.60 16.95
N ASP B 124 -0.02 -8.66 16.16
CA ASP B 124 -0.91 -8.63 15.02
C ASP B 124 -2.29 -8.98 15.46
N SER B 125 -2.45 -9.41 16.70
CA SER B 125 -3.72 -9.85 17.21
C SER B 125 -4.66 -8.65 17.22
N HIS B 126 -5.95 -8.90 17.10
CA HIS B 126 -6.94 -7.88 17.28
C HIS B 126 -6.85 -7.28 18.68
N GLU B 127 -6.22 -7.93 19.66
CA GLU B 127 -6.05 -7.23 20.97
C GLU B 127 -5.25 -5.94 20.79
N TYR B 128 -4.50 -5.82 19.67
CA TYR B 128 -3.66 -4.66 19.52
C TYR B 128 -4.11 -3.64 18.43
N THR B 129 -5.41 -3.61 18.10
CA THR B 129 -5.89 -2.85 16.98
C THR B 129 -5.64 -1.35 17.22
N GLU B 130 -5.96 -0.92 18.45
CA GLU B 130 -5.81 0.44 18.80
C GLU B 130 -4.35 0.89 18.76
N GLU B 131 -3.43 0.05 19.26
CA GLU B 131 -2.03 0.36 19.30
C GLU B 131 -1.45 0.47 17.88
N ARG B 132 -1.85 -0.39 16.99
CA ARG B 132 -1.49 -0.26 15.57
C ARG B 132 -2.02 1.09 15.02
N ARG B 133 -3.26 1.40 15.33
CA ARG B 133 -3.87 2.58 14.80
C ARG B 133 -2.99 3.78 15.24
N MET B 134 -2.59 3.79 16.50
CA MET B 134 -1.76 4.83 17.06
C MET B 134 -0.36 4.83 16.46
N LEU B 135 0.18 3.66 16.15
CA LEU B 135 1.40 3.66 15.37
C LEU B 135 1.18 4.30 13.95
N TYR B 136 0.10 4.00 13.25
CA TYR B 136 -0.18 4.56 11.93
C TYR B 136 -0.34 6.08 12.05
N THR B 137 -1.06 6.56 13.10
CA THR B 137 -1.26 7.97 13.36
C THR B 137 0.08 8.71 13.64
N SER B 138 1.02 8.00 14.29
CA SER B 138 2.29 8.57 14.64
C SER B 138 3.09 8.89 13.37
N LEU B 139 2.72 8.27 12.25
CA LEU B 139 3.27 8.60 10.91
C LEU B 139 2.24 9.35 10.03
N ASN B 140 1.41 10.16 10.71
CA ASN B 140 0.40 10.96 10.05
C ASN B 140 -0.47 10.12 9.14
N PHE B 141 -0.55 8.83 9.38
CA PHE B 141 -1.42 8.00 8.55
C PHE B 141 -1.15 8.22 7.06
N ASN B 142 0.08 8.53 6.72
CA ASN B 142 0.51 8.41 5.34
C ASN B 142 0.74 6.94 5.00
N GLU B 143 -0.22 6.36 4.32
CA GLU B 143 -0.20 4.93 4.16
C GLU B 143 0.95 4.53 3.28
N GLY B 144 1.39 5.41 2.37
CA GLY B 144 2.54 5.06 1.56
C GLY B 144 3.84 5.07 2.37
N LYS B 145 4.11 6.12 3.15
CA LYS B 145 5.20 6.06 4.09
C LYS B 145 5.19 4.83 5.03
N ILE B 146 4.01 4.51 5.59
CA ILE B 146 3.83 3.44 6.56
C ILE B 146 4.20 2.18 5.79
N PHE B 147 3.65 2.00 4.60
CA PHE B 147 3.99 0.81 3.83
C PHE B 147 5.50 0.70 3.52
N ASN B 148 6.08 1.77 2.99
CA ASN B 148 7.47 1.76 2.60
C ASN B 148 8.43 1.47 3.80
N LEU B 149 8.19 2.16 4.92
CA LEU B 149 8.93 1.95 6.13
C LEU B 149 8.79 0.46 6.52
N GLY B 150 7.55 -0.06 6.50
CA GLY B 150 7.26 -1.42 6.86
C GLY B 150 8.00 -2.46 6.06
N GLN B 151 8.12 -2.22 4.76
CA GLN B 151 8.88 -3.09 3.87
C GLN B 151 10.39 -3.01 4.22
N ILE B 152 10.90 -1.84 4.61
CA ILE B 152 12.29 -1.75 5.02
C ILE B 152 12.52 -2.45 6.39
N LEU B 153 11.66 -2.17 7.39
CA LEU B 153 11.78 -2.85 8.67
C LEU B 153 11.44 -4.36 8.54
N SER B 154 10.58 -4.77 7.58
CA SER B 154 10.36 -6.19 7.40
C SER B 154 11.63 -6.94 7.12
N LYS B 155 12.45 -6.32 6.30
CA LYS B 155 13.74 -6.89 5.94
C LYS B 155 14.68 -7.07 7.09
N LEU B 156 14.70 -6.11 8.03
CA LEU B 156 15.50 -6.24 9.21
C LEU B 156 14.90 -7.32 10.06
N SER B 157 13.58 -7.30 10.14
CA SER B 157 12.91 -8.17 11.05
C SER B 157 13.00 -9.60 10.61
N GLN B 158 13.33 -9.88 9.35
CA GLN B 158 13.53 -11.27 8.93
C GLN B 158 14.79 -11.91 9.57
N ASP B 159 15.64 -11.07 10.19
CA ASP B 159 16.77 -11.54 11.00
C ASP B 159 16.47 -11.31 12.45
N SER B 160 16.35 -12.40 13.22
CA SER B 160 15.98 -12.21 14.63
C SER B 160 16.96 -11.55 15.53
N ASN B 161 18.25 -11.42 15.16
CA ASN B 161 19.08 -10.54 16.00
C ASN B 161 18.67 -9.07 15.82
N TYR B 162 17.92 -8.77 14.74
CA TYR B 162 17.71 -7.35 14.51
C TYR B 162 16.29 -6.99 14.75
N ARG B 163 15.46 -7.98 15.11
CA ARG B 163 14.04 -7.74 15.28
C ARG B 163 13.75 -6.87 16.51
N GLY B 164 14.44 -7.11 17.63
CA GLY B 164 14.22 -6.28 18.86
C GLY B 164 14.42 -4.80 18.62
N LEU B 165 15.40 -4.42 17.80
CA LEU B 165 15.55 -3.00 17.45
C LEU B 165 14.40 -2.41 16.58
N VAL B 166 13.79 -3.28 15.79
CA VAL B 166 12.56 -2.93 15.04
C VAL B 166 11.36 -2.69 15.93
N LYS B 167 11.14 -3.59 16.88
CA LYS B 167 10.07 -3.45 17.87
C LYS B 167 10.31 -2.14 18.60
N GLU B 168 11.52 -1.94 19.09
CA GLU B 168 11.79 -0.85 19.99
C GLU B 168 11.60 0.46 19.26
N THR B 169 11.96 0.52 17.98
CA THR B 169 11.72 1.71 17.17
C THR B 169 10.24 1.94 17.00
N LEU B 170 9.53 0.88 16.61
CA LEU B 170 8.10 1.13 16.36
C LEU B 170 7.31 1.49 17.64
N ILE B 171 7.52 0.72 18.69
CA ILE B 171 6.71 0.82 19.87
C ILE B 171 7.26 1.79 20.90
N ASN B 172 8.58 1.73 21.14
CA ASN B 172 9.17 2.59 22.19
C ASN B 172 9.32 4.01 21.77
N ARG B 173 9.36 4.28 20.46
CA ARG B 173 9.51 5.63 20.03
C ARG B 173 8.21 6.06 19.32
N GLY B 174 7.92 5.49 18.15
CA GLY B 174 6.80 5.89 17.33
C GLY B 174 5.47 5.76 18.03
N PHE B 175 5.03 4.54 18.38
CA PHE B 175 3.78 4.43 19.14
C PHE B 175 3.74 5.28 20.44
N SER B 176 4.82 5.27 21.25
CA SER B 176 4.84 6.00 22.53
C SER B 176 4.61 7.54 22.43
N ILE B 177 5.30 8.19 21.51
CA ILE B 177 5.00 9.58 21.23
C ILE B 177 3.52 9.80 20.91
N GLN B 178 2.94 9.05 19.96
CA GLN B 178 1.53 9.27 19.62
C GLN B 178 0.67 9.04 20.85
N LEU B 179 0.94 7.96 21.58
CA LEU B 179 0.10 7.63 22.75
C LEU B 179 0.10 8.78 23.76
N ALA B 180 1.30 9.30 24.03
CA ALA B 180 1.52 10.44 24.92
C ALA B 180 0.59 11.59 24.53
N MET B 181 0.70 12.02 23.27
CA MET B 181 -0.14 13.04 22.64
C MET B 181 -1.65 12.93 22.85
N GLU B 182 -2.17 11.70 22.85
CA GLU B 182 -3.62 11.43 22.95
C GLU B 182 -4.08 11.25 24.40
N GLU B 183 -3.26 10.61 25.25
CA GLU B 183 -3.46 10.60 26.72
C GLU B 183 -3.68 12.05 27.21
N ILE B 184 -2.70 12.92 26.91
CA ILE B 184 -2.64 14.27 27.42
C ILE B 184 -3.82 15.07 26.89
N SER B 185 -4.10 14.96 25.61
CA SER B 185 -5.25 15.61 25.10
C SER B 185 -6.49 15.18 25.86
N ALA B 186 -6.55 13.90 26.27
CA ALA B 186 -7.84 13.33 26.70
C ALA B 186 -8.15 13.87 28.06
N LYS B 187 -7.14 13.75 28.93
CA LYS B 187 -7.06 14.34 30.30
C LYS B 187 -7.26 15.86 30.40
N ILE B 188 -6.82 16.62 29.39
CA ILE B 188 -7.06 18.05 29.33
C ILE B 188 -8.55 18.26 29.00
N LEU B 189 -9.03 17.55 27.97
CA LEU B 189 -10.42 17.68 27.52
C LEU B 189 -11.42 17.24 28.58
N ASN B 190 -11.00 16.30 29.43
CA ASN B 190 -11.89 15.73 30.45
C ASN B 190 -12.30 16.77 31.50
N VAL B 191 -11.34 17.55 32.00
CA VAL B 191 -11.56 18.68 32.93
C VAL B 191 -11.65 20.01 32.16
N LYS B 192 -12.27 19.98 30.98
CA LYS B 192 -12.58 21.22 30.25
C LYS B 192 -13.73 22.04 30.90
N ASN B 202 1.80 28.04 33.67
CA ASN B 202 0.87 26.94 33.92
C ASN B 202 0.11 26.52 32.68
N LEU B 203 -0.99 27.23 32.39
CA LEU B 203 -1.62 27.14 31.09
C LEU B 203 -0.59 27.50 30.01
N GLU B 204 0.45 28.24 30.40
CA GLU B 204 1.62 28.42 29.54
C GLU B 204 2.29 27.06 29.25
N THR B 205 2.64 26.30 30.31
CA THR B 205 3.35 25.04 30.13
C THR B 205 2.54 24.00 29.30
N LEU B 206 1.20 24.04 29.38
CA LEU B 206 0.38 23.16 28.55
C LEU B 206 0.45 23.50 27.09
N TYR B 207 0.35 24.77 26.73
CA TYR B 207 0.52 25.15 25.32
C TYR B 207 1.88 24.69 24.79
N ASN B 208 2.96 24.96 25.54
CA ASN B 208 4.33 24.55 25.17
C ASN B 208 4.55 23.01 25.06
N ASP B 209 4.07 22.28 26.06
CA ASP B 209 4.07 20.79 26.05
C ASP B 209 3.61 20.19 24.72
N PHE B 210 2.51 20.69 24.19
CA PHE B 210 2.10 20.36 22.84
C PHE B 210 3.17 20.59 21.74
N GLU B 211 3.94 21.68 21.87
CA GLU B 211 5.02 21.99 20.94
C GLU B 211 6.22 21.04 21.13
N LYS B 212 6.54 20.68 22.39
CA LYS B 212 7.52 19.64 22.71
C LYS B 212 7.18 18.26 22.06
N LEU B 213 5.95 17.78 22.28
CA LEU B 213 5.42 16.57 21.65
C LEU B 213 5.50 16.62 20.12
N THR B 214 5.00 17.70 19.51
CA THR B 214 5.19 17.92 18.05
C THR B 214 6.64 17.82 17.61
N SER B 215 7.57 18.16 18.49
CA SER B 215 8.98 18.27 18.09
C SER B 215 9.54 16.84 18.10
N LEU B 216 9.19 16.08 19.15
CA LEU B 216 9.35 14.61 19.19
C LEU B 216 8.86 13.92 17.90
N LYS B 217 7.62 14.20 17.52
CA LYS B 217 7.00 13.50 16.40
C LYS B 217 7.60 13.95 15.07
N GLU B 218 7.88 15.24 14.93
CA GLU B 218 8.35 15.75 13.64
C GLU B 218 9.66 15.05 13.32
N LYS B 219 10.40 14.77 14.38
CA LYS B 219 11.71 14.22 14.35
C LYS B 219 11.70 12.69 13.99
N TRP B 220 10.71 12.00 14.56
CA TRP B 220 10.34 10.65 14.22
C TRP B 220 9.94 10.61 12.76
N LEU B 221 9.17 11.58 12.29
CA LEU B 221 8.82 11.58 10.86
C LEU B 221 10.09 11.89 9.97
N LYS B 222 11.00 12.66 10.53
CA LYS B 222 12.17 13.13 9.82
C LYS B 222 13.12 11.91 9.65
N ASP B 223 13.45 11.25 10.78
CA ASP B 223 14.19 9.96 10.72
C ASP B 223 13.59 8.89 9.81
N THR B 224 12.28 8.73 9.87
CA THR B 224 11.58 7.79 9.01
C THR B 224 11.74 8.16 7.54
N ASP B 225 11.42 9.42 7.23
CA ASP B 225 11.53 9.85 5.86
C ASP B 225 12.99 9.69 5.46
N ASP B 226 13.95 10.06 6.32
CA ASP B 226 15.36 9.78 5.97
C ASP B 226 15.73 8.32 5.75
N LEU B 227 15.25 7.40 6.57
CA LEU B 227 15.55 6.03 6.29
C LEU B 227 14.94 5.61 4.94
N ILE B 228 13.72 6.04 4.62
CA ILE B 228 13.15 5.69 3.29
C ILE B 228 14.09 6.16 2.14
N ASP B 229 14.50 7.40 2.13
CA ASP B 229 15.42 7.92 1.09
C ASP B 229 16.77 7.19 1.15
N GLU B 230 17.37 7.04 2.32
CA GLU B 230 18.63 6.27 2.33
C GLU B 230 18.49 4.91 1.72
N TYR B 231 17.43 4.19 2.05
CA TYR B 231 17.29 2.83 1.53
C TYR B 231 17.05 2.84 0.02
N ASN B 232 16.08 3.66 -0.44
CA ASN B 232 15.85 3.79 -1.91
C ASN B 232 17.05 4.18 -2.75
N THR B 233 17.95 4.92 -2.13
CA THR B 233 19.14 5.54 -2.71
C THR B 233 20.43 4.72 -2.58
N ASN B 234 20.43 3.66 -1.77
CA ASN B 234 21.66 2.83 -1.55
C ASN B 234 21.42 1.35 -1.79
N PRO B 235 21.75 0.83 -2.97
CA PRO B 235 21.46 -0.58 -3.30
C PRO B 235 21.93 -1.52 -2.20
N ASP B 236 22.99 -1.17 -1.49
CA ASP B 236 23.49 -2.19 -0.62
C ASP B 236 22.78 -2.20 0.77
N LEU B 237 22.08 -1.10 1.11
CA LEU B 237 21.06 -1.16 2.17
C LEU B 237 19.96 -2.17 1.81
N GLN B 238 19.84 -2.47 0.52
CA GLN B 238 18.78 -3.35 0.05
C GLN B 238 19.13 -4.82 0.14
N THR B 239 20.43 -5.14 0.09
CA THR B 239 20.95 -6.49 -0.05
C THR B 239 21.87 -6.87 1.18
N ASP B 240 22.02 -5.97 2.13
CA ASP B 240 22.90 -6.23 3.26
C ASP B 240 22.20 -5.77 4.49
N VAL B 241 21.55 -6.71 5.15
CA VAL B 241 20.72 -6.42 6.31
C VAL B 241 21.49 -5.94 7.54
N SER B 242 22.81 -6.22 7.62
CA SER B 242 23.65 -5.80 8.76
C SER B 242 23.88 -4.34 8.62
N LYS B 243 24.12 -3.90 7.39
CA LYS B 243 24.38 -2.48 7.12
C LYS B 243 23.11 -1.68 7.34
N LEU B 244 21.95 -2.24 6.94
CA LEU B 244 20.67 -1.63 7.17
C LEU B 244 20.46 -1.51 8.67
N ASN B 245 20.84 -2.56 9.41
CA ASN B 245 20.67 -2.55 10.87
C ASN B 245 21.46 -1.41 11.42
N ASP B 246 22.72 -1.25 11.02
CA ASP B 246 23.56 -0.17 11.55
C ASP B 246 22.91 1.15 11.18
N THR B 247 22.38 1.23 9.96
CA THR B 247 21.75 2.49 9.57
C THR B 247 20.49 2.88 10.43
N LEU B 248 19.58 1.97 10.74
CA LEU B 248 18.54 2.18 11.80
C LEU B 248 19.08 2.62 13.17
N ARG B 249 20.03 1.87 13.74
CA ARG B 249 20.81 2.26 14.91
C ARG B 249 21.26 3.70 14.94
N SER B 250 21.92 4.12 13.84
CA SER B 250 22.56 5.43 13.82
C SER B 250 21.57 6.48 14.25
N LYS B 251 20.27 6.21 14.14
CA LYS B 251 19.25 7.20 14.47
C LYS B 251 18.40 6.86 15.68
N ASN B 252 18.76 5.78 16.38
CA ASN B 252 17.96 5.24 17.48
C ASN B 252 18.95 4.60 18.45
N SER B 253 19.85 5.40 19.05
CA SER B 253 20.76 4.76 20.01
C SER B 253 19.92 4.42 21.25
N ARG B 254 20.40 3.46 22.02
CA ARG B 254 19.94 3.22 23.38
C ARG B 254 19.67 4.52 24.16
N ALA B 255 20.59 5.47 24.08
CA ALA B 255 20.50 6.66 24.87
C ALA B 255 19.36 7.54 24.37
N GLN B 256 19.24 7.70 23.02
CA GLN B 256 18.06 8.37 22.43
C GLN B 256 16.75 7.70 22.89
N PHE B 257 16.75 6.37 23.00
CA PHE B 257 15.57 5.66 23.54
C PHE B 257 15.29 6.04 24.99
N ALA B 258 16.37 6.18 25.77
CA ALA B 258 16.21 6.52 27.19
C ALA B 258 15.72 7.98 27.36
N ASN B 259 16.36 8.94 26.71
CA ASN B 259 15.82 10.31 26.67
C ASN B 259 14.34 10.36 26.37
N ILE B 260 13.92 9.74 25.25
CA ILE B 260 12.50 9.81 24.77
C ILE B 260 11.51 9.35 25.84
N HIS B 261 11.81 8.23 26.44
CA HIS B 261 11.03 7.68 27.51
C HIS B 261 10.88 8.65 28.68
N ASP B 262 12.02 9.23 29.09
CA ASP B 262 12.06 10.10 30.24
C ASP B 262 11.33 11.40 29.97
N ILE B 263 11.60 12.02 28.82
CA ILE B 263 10.87 13.16 28.35
C ILE B 263 9.34 12.89 28.37
N ILE B 264 8.87 11.80 27.75
CA ILE B 264 7.42 11.50 27.73
C ILE B 264 6.82 11.20 29.12
N LEU B 265 7.57 10.50 29.96
CA LEU B 265 7.22 10.31 31.34
C LEU B 265 7.06 11.70 32.02
N ASP B 266 8.01 12.59 31.81
CA ASP B 266 7.87 13.95 32.34
C ASP B 266 6.67 14.78 31.84
N LEU B 267 6.33 14.66 30.56
CA LEU B 267 5.19 15.42 30.08
C LEU B 267 3.88 14.85 30.61
N VAL B 268 3.84 13.52 30.80
CA VAL B 268 2.63 12.86 31.23
C VAL B 268 2.28 13.30 32.65
N ASN B 269 3.27 13.25 33.53
CA ASN B 269 3.05 13.66 34.91
C ASN B 269 2.99 15.14 35.25
N THR B 270 3.81 15.94 34.60
CA THR B 270 3.60 17.39 34.59
C THR B 270 2.13 17.73 34.33
N THR B 271 1.55 17.12 33.28
CA THR B 271 0.12 17.24 32.95
C THR B 271 -0.85 16.75 34.05
N THR B 272 -0.67 15.53 34.57
CA THR B 272 -1.50 15.02 35.66
C THR B 272 -1.53 16.05 36.82
N ASN B 273 -0.33 16.48 37.21
CA ASN B 273 -0.09 17.28 38.38
C ASN B 273 -0.55 18.73 38.22
N ILE B 274 -0.27 19.36 37.08
CA ILE B 274 -1.14 20.44 36.65
C ILE B 274 -2.47 19.77 36.31
#